data_1CGJ
#
_entry.id   1CGJ
#
_cell.length_a   84.400
_cell.length_b   84.400
_cell.length_c   86.700
_cell.angle_alpha   90.00
_cell.angle_beta   90.00
_cell.angle_gamma   90.00
#
_symmetry.space_group_name_H-M   'P 41 21 2'
#
loop_
_entity.id
_entity.type
_entity.pdbx_description
1 polymer ALPHA-CHYMOTRYPSINOGEN
2 polymer 'PANCREATIC SECRETORY TRYPSIN INHIBITOR (KAZAL TYPE) VARIANT 4'
3 water water
#
loop_
_entity_poly.entity_id
_entity_poly.type
_entity_poly.pdbx_seq_one_letter_code
_entity_poly.pdbx_strand_id
1 'polypeptide(L)'
;CGVPAIQPVLSGLSRIVNGEEAVPGSWPWQVSLQDKTGFHFCGGSLINENWVVTAAHCGVTTSDVVVAGEFDQGSSSEKI
QKLKIAKVFKNSKYNSLTINNDITLLKLSTAASFSQTVSAVCLPSASDDFAAGTTCVTTGWGLTRYTNANTPDRLQQASL
PLLSNTNCKKYWGTKIKDAMICAGASGVSSCMGDSGGPLVCKKNGAWTLVGIVSWGSSTCSTSTPGVYARVTALVNWVQQ
TLAAN
;
E
2 'polypeptide(L)' DSLGREAKCYNELNGCTLEYRPVCGTDGDTYPNECVLCFENRKRQTSILIQKSGPC I
#
# COMPACT_ATOMS: atom_id res chain seq x y z
N CYS A 1 3.16 9.57 -19.09
CA CYS A 1 3.00 8.38 -18.22
C CYS A 1 4.33 7.61 -18.23
N GLY A 2 4.54 7.24 -16.98
CA GLY A 2 5.52 6.46 -16.31
C GLY A 2 6.96 6.71 -16.54
N VAL A 3 7.28 7.98 -16.43
CA VAL A 3 8.65 8.51 -16.62
C VAL A 3 8.94 9.77 -15.75
N PRO A 4 9.51 9.50 -14.61
CA PRO A 4 9.87 10.51 -13.67
C PRO A 4 10.93 11.39 -14.33
N ALA A 5 10.59 12.66 -14.20
CA ALA A 5 11.45 13.78 -14.67
C ALA A 5 12.79 13.52 -13.97
N ILE A 6 12.61 13.18 -12.69
CA ILE A 6 13.58 12.81 -11.67
C ILE A 6 13.55 11.27 -11.59
N GLN A 7 14.76 10.92 -11.93
CA GLN A 7 15.20 9.55 -12.08
C GLN A 7 15.55 8.78 -10.83
N PRO A 8 14.90 7.66 -10.67
CA PRO A 8 15.19 6.80 -9.55
C PRO A 8 16.65 6.30 -9.69
N VAL A 9 17.18 6.04 -8.53
CA VAL A 9 18.50 5.44 -8.37
C VAL A 9 18.24 4.25 -7.42
N LEU A 10 18.12 3.09 -8.02
CA LEU A 10 17.89 1.78 -7.33
C LEU A 10 19.25 1.07 -7.18
N SER A 11 19.80 1.01 -6.00
CA SER A 11 21.03 0.41 -5.55
C SER A 11 20.73 -0.98 -4.94
N GLY A 12 21.78 -1.79 -4.76
CA GLY A 12 21.72 -3.10 -4.14
C GLY A 12 21.12 -3.03 -2.72
N LEU A 13 20.96 -1.88 -2.11
CA LEU A 13 20.39 -1.82 -0.76
C LEU A 13 18.86 -1.88 -0.81
N SER A 14 18.42 -1.70 -2.05
CA SER A 14 16.96 -1.70 -2.38
C SER A 14 16.37 -3.14 -2.38
N ARG A 15 17.36 -4.05 -2.36
CA ARG A 15 17.05 -5.46 -2.44
C ARG A 15 17.19 -6.20 -1.11
N ILE A 16 17.65 -5.55 -0.09
CA ILE A 16 17.85 -6.17 1.23
C ILE A 16 17.19 -5.41 2.35
N VAL A 17 17.00 -6.19 3.40
CA VAL A 17 16.26 -5.85 4.60
C VAL A 17 15.86 -4.38 4.65
N ASN A 18 14.63 -4.31 4.18
CA ASN A 18 13.53 -3.40 3.89
C ASN A 18 14.12 -2.11 3.32
N GLY A 19 14.36 -2.25 2.05
CA GLY A 19 14.92 -1.39 1.08
C GLY A 19 15.68 -0.13 1.45
N GLU A 20 15.47 0.89 0.64
CA GLU A 20 16.18 2.11 0.87
C GLU A 20 15.22 3.27 0.63
N GLU A 21 15.91 4.38 0.93
CA GLU A 21 15.33 5.72 0.79
C GLU A 21 15.56 6.08 -0.68
N ALA A 22 14.49 6.63 -1.16
CA ALA A 22 14.28 7.14 -2.51
C ALA A 22 14.96 8.48 -2.76
N VAL A 23 15.25 8.64 -4.05
CA VAL A 23 15.80 9.99 -4.45
C VAL A 23 14.49 10.81 -4.36
N PRO A 24 14.48 11.91 -3.65
CA PRO A 24 13.24 12.72 -3.57
C PRO A 24 12.56 12.99 -4.91
N GLY A 25 11.26 12.85 -5.12
CA GLY A 25 10.63 13.19 -6.38
C GLY A 25 10.72 12.24 -7.53
N SER A 26 11.50 11.20 -7.32
CA SER A 26 11.73 10.11 -8.28
C SER A 26 10.59 9.13 -8.49
N TRP A 27 9.42 9.19 -7.88
CA TRP A 27 8.25 8.31 -8.02
C TRP A 27 7.08 9.29 -7.89
N PRO A 28 6.83 10.15 -8.85
CA PRO A 28 5.86 11.22 -8.86
C PRO A 28 4.39 10.98 -8.68
N TRP A 29 4.10 9.74 -9.03
CA TRP A 29 2.74 9.15 -8.92
C TRP A 29 2.50 8.71 -7.46
N GLN A 30 3.50 8.67 -6.60
CA GLN A 30 3.38 8.29 -5.20
C GLN A 30 2.72 9.38 -4.33
N VAL A 31 1.58 9.02 -3.74
CA VAL A 31 0.87 9.91 -2.89
C VAL A 31 0.65 9.15 -1.59
N SER A 32 0.35 10.08 -0.68
CA SER A 32 0.07 9.66 0.70
C SER A 32 -1.36 9.91 1.09
N LEU A 33 -2.12 8.99 1.59
CA LEU A 33 -3.51 9.20 2.10
C LEU A 33 -3.40 9.48 3.62
N GLN A 34 -4.04 10.61 3.89
CA GLN A 34 -3.99 11.24 5.22
C GLN A 34 -5.36 11.67 5.67
N ASP A 35 -5.47 11.76 6.95
CA ASP A 35 -6.57 12.10 7.84
C ASP A 35 -6.86 13.60 7.69
N LYS A 36 -7.68 14.08 8.60
CA LYS A 36 -7.84 15.55 8.58
C LYS A 36 -6.57 15.97 9.42
N THR A 37 -6.28 15.08 10.40
CA THR A 37 -5.15 15.35 11.33
C THR A 37 -3.75 15.34 10.77
N GLY A 38 -3.67 15.07 9.49
CA GLY A 38 -2.37 15.01 8.78
C GLY A 38 -1.73 13.68 9.16
N PHE A 39 -2.51 12.59 9.24
CA PHE A 39 -1.77 11.36 9.62
C PHE A 39 -1.96 10.33 8.53
N HIS A 40 -0.80 9.96 8.00
CA HIS A 40 -0.64 8.97 6.91
C HIS A 40 -1.07 7.55 7.29
N PHE A 41 -2.01 6.94 6.59
CA PHE A 41 -2.52 5.63 6.89
C PHE A 41 -2.53 4.64 5.71
N CYS A 42 -2.18 5.14 4.54
CA CYS A 42 -2.14 4.34 3.29
C CYS A 42 -1.43 5.19 2.23
N GLY A 43 -1.11 4.63 1.10
CA GLY A 43 -0.43 5.31 -0.04
C GLY A 43 -1.49 5.18 -1.17
N GLY A 44 -0.97 5.65 -2.28
CA GLY A 44 -1.82 5.62 -3.49
C GLY A 44 -0.84 6.09 -4.55
N SER A 45 -1.32 5.88 -5.75
CA SER A 45 -0.59 6.27 -6.99
C SER A 45 -1.54 7.12 -7.84
N LEU A 46 -1.00 8.18 -8.44
CA LEU A 46 -1.78 9.05 -9.36
C LEU A 46 -1.67 8.45 -10.77
N ILE A 47 -2.84 8.17 -11.39
CA ILE A 47 -3.02 7.63 -12.73
C ILE A 47 -3.38 8.77 -13.72
N ASN A 48 -3.94 9.86 -13.20
CA ASN A 48 -4.36 11.11 -13.79
C ASN A 48 -3.93 12.31 -12.94
N GLU A 49 -4.44 13.42 -13.48
CA GLU A 49 -4.22 14.70 -12.83
C GLU A 49 -5.48 14.79 -11.96
N ASN A 50 -6.40 13.89 -12.15
CA ASN A 50 -7.66 13.81 -11.41
C ASN A 50 -7.96 12.63 -10.49
N TRP A 51 -7.34 11.48 -10.76
CA TRP A 51 -7.63 10.24 -10.02
C TRP A 51 -6.41 9.59 -9.43
N VAL A 52 -6.74 8.89 -8.36
CA VAL A 52 -5.78 8.15 -7.54
C VAL A 52 -6.38 6.76 -7.43
N VAL A 53 -5.45 5.84 -7.46
CA VAL A 53 -5.90 4.41 -7.34
C VAL A 53 -5.25 3.88 -6.07
N THR A 54 -6.06 3.14 -5.30
CA THR A 54 -5.66 2.56 -4.02
C THR A 54 -6.32 1.23 -3.65
N ALA A 55 -5.94 0.78 -2.47
CA ALA A 55 -6.47 -0.54 -2.02
C ALA A 55 -7.80 -0.16 -1.35
N ALA A 56 -8.81 -0.98 -1.42
CA ALA A 56 -10.12 -0.77 -0.82
C ALA A 56 -10.22 -1.03 0.69
N HIS A 57 -9.26 -1.71 1.29
CA HIS A 57 -9.33 -2.02 2.72
C HIS A 57 -8.92 -0.79 3.56
N CYS A 58 -8.34 0.15 2.79
CA CYS A 58 -7.85 1.39 3.41
C CYS A 58 -8.94 2.25 4.07
N GLY A 59 -10.19 2.11 3.64
CA GLY A 59 -11.32 2.90 4.16
C GLY A 59 -11.25 4.40 3.88
N VAL A 60 -10.81 4.78 2.70
CA VAL A 60 -10.65 6.23 2.43
C VAL A 60 -12.02 6.88 2.40
N THR A 61 -12.06 8.00 3.11
CA THR A 61 -13.28 8.81 3.18
C THR A 61 -13.13 10.10 2.36
N THR A 62 -14.25 10.78 2.19
CA THR A 62 -14.20 12.06 1.43
C THR A 62 -13.56 13.09 2.34
N SER A 63 -13.56 12.92 3.62
CA SER A 63 -12.95 13.67 4.71
C SER A 63 -11.38 13.54 4.74
N ASP A 64 -10.92 12.54 3.97
CA ASP A 64 -9.49 12.27 3.94
C ASP A 64 -8.82 13.07 2.83
N VAL A 65 -7.52 13.26 3.00
CA VAL A 65 -6.66 14.01 2.08
C VAL A 65 -5.58 13.25 1.32
N VAL A 66 -5.38 13.63 0.08
CA VAL A 66 -4.41 13.07 -0.83
C VAL A 66 -3.30 14.12 -0.84
N VAL A 67 -2.05 13.71 -0.50
CA VAL A 67 -0.97 14.69 -0.50
C VAL A 67 0.01 14.42 -1.62
N ALA A 68 -0.06 15.25 -2.63
CA ALA A 68 0.93 15.03 -3.71
C ALA A 68 2.17 15.88 -3.37
N GLY A 69 3.26 15.41 -3.90
CA GLY A 69 4.63 15.72 -3.98
C GLY A 69 5.55 15.55 -2.82
N GLU A 70 5.17 14.76 -1.85
CA GLU A 70 6.00 14.55 -0.64
C GLU A 70 7.10 13.51 -0.71
N PHE A 71 8.15 13.93 0.00
CA PHE A 71 9.37 13.10 0.18
C PHE A 71 9.38 12.71 1.69
N ASP A 72 9.80 13.74 2.39
CA ASP A 72 9.99 13.80 3.82
C ASP A 72 8.70 14.29 4.45
N GLN A 73 8.05 13.40 5.15
CA GLN A 73 6.79 13.78 5.84
C GLN A 73 7.14 14.61 7.08
N GLY A 74 8.36 14.57 7.59
CA GLY A 74 8.71 15.32 8.79
C GLY A 74 9.20 16.72 8.52
N SER A 75 8.92 17.16 7.31
CA SER A 75 9.32 18.45 6.80
C SER A 75 8.36 19.52 7.33
N SER A 76 9.13 20.42 7.95
CA SER A 76 8.59 21.63 8.60
C SER A 76 7.90 22.29 7.40
N SER A 77 8.38 21.87 6.23
CA SER A 77 7.88 22.25 4.93
C SER A 77 8.88 22.26 3.78
N GLU A 78 8.39 21.67 2.72
CA GLU A 78 8.48 21.25 1.36
C GLU A 78 7.24 21.75 0.55
N LYS A 79 7.32 21.59 -0.76
CA LYS A 79 6.34 21.97 -1.78
C LYS A 79 5.31 20.92 -2.22
N ILE A 80 4.34 20.68 -1.34
CA ILE A 80 3.36 19.64 -1.62
C ILE A 80 1.99 20.15 -1.95
N GLN A 81 1.15 19.21 -2.36
CA GLN A 81 -0.22 19.43 -2.77
C GLN A 81 -1.17 18.55 -1.96
N LYS A 82 -2.03 19.23 -1.24
CA LYS A 82 -3.05 18.65 -0.39
C LYS A 82 -4.35 18.83 -1.21
N LEU A 83 -4.62 17.77 -1.92
CA LEU A 83 -5.75 17.63 -2.80
C LEU A 83 -6.93 17.07 -2.02
N LYS A 84 -8.12 17.53 -2.34
CA LYS A 84 -9.29 17.01 -1.62
C LYS A 84 -9.90 15.93 -2.49
N ILE A 85 -10.72 15.13 -1.86
CA ILE A 85 -11.40 14.01 -2.52
C ILE A 85 -12.88 14.29 -2.75
N ALA A 86 -13.44 13.97 -3.91
CA ALA A 86 -14.86 14.32 -4.02
C ALA A 86 -15.79 13.15 -4.16
N LYS A 87 -15.17 12.13 -4.70
CA LYS A 87 -15.91 10.85 -4.92
C LYS A 87 -14.92 9.68 -4.87
N VAL A 88 -15.36 8.66 -4.12
CA VAL A 88 -14.70 7.38 -3.82
C VAL A 88 -15.34 6.21 -4.57
N PHE A 89 -14.58 5.52 -5.40
CA PHE A 89 -15.10 4.38 -6.18
C PHE A 89 -14.54 3.01 -5.81
N LYS A 90 -15.17 2.41 -4.81
CA LYS A 90 -14.84 1.11 -4.25
C LYS A 90 -15.49 -0.01 -5.07
N ASN A 91 -14.58 -0.83 -5.51
CA ASN A 91 -14.91 -2.00 -6.34
C ASN A 91 -15.98 -2.84 -5.62
N SER A 92 -17.06 -3.05 -6.31
CA SER A 92 -18.25 -3.81 -5.93
C SER A 92 -17.90 -5.28 -5.58
N LYS A 93 -16.92 -5.79 -6.27
CA LYS A 93 -16.42 -7.14 -6.07
C LYS A 93 -15.36 -7.22 -4.97
N TYR A 94 -15.01 -6.11 -4.33
CA TYR A 94 -14.04 -6.20 -3.24
C TYR A 94 -14.73 -7.14 -2.24
N ASN A 95 -13.99 -8.12 -1.78
CA ASN A 95 -14.39 -9.14 -0.80
C ASN A 95 -13.46 -8.91 0.41
N SER A 96 -14.25 -8.53 1.41
CA SER A 96 -13.77 -8.15 2.74
C SER A 96 -13.25 -9.22 3.67
N LEU A 97 -13.61 -10.42 3.36
CA LEU A 97 -13.27 -11.63 4.10
C LEU A 97 -11.90 -12.21 3.68
N THR A 98 -11.72 -12.10 2.40
CA THR A 98 -10.69 -12.45 1.46
C THR A 98 -9.74 -11.40 0.89
N ILE A 99 -10.08 -10.11 0.93
CA ILE A 99 -9.32 -8.97 0.44
C ILE A 99 -9.19 -9.17 -1.06
N ASN A 100 -10.22 -9.80 -1.66
CA ASN A 100 -10.11 -9.98 -3.11
C ASN A 100 -10.89 -8.83 -3.77
N ASN A 101 -10.29 -8.36 -4.86
CA ASN A 101 -10.82 -7.24 -5.70
C ASN A 101 -10.66 -5.91 -4.94
N ASP A 102 -9.47 -5.77 -4.37
CA ASP A 102 -8.93 -4.71 -3.53
C ASP A 102 -8.38 -3.46 -4.19
N ILE A 103 -9.22 -2.78 -4.94
CA ILE A 103 -8.96 -1.54 -5.67
C ILE A 103 -10.23 -0.65 -5.40
N THR A 104 -9.88 0.60 -5.29
CA THR A 104 -10.61 1.78 -5.04
C THR A 104 -9.95 2.95 -5.81
N LEU A 105 -10.83 3.71 -6.41
CA LEU A 105 -10.53 4.89 -7.23
C LEU A 105 -11.08 6.10 -6.47
N LEU A 106 -10.15 7.05 -6.45
CA LEU A 106 -10.47 8.31 -5.75
C LEU A 106 -10.51 9.43 -6.81
N LYS A 107 -11.70 10.03 -6.91
CA LYS A 107 -11.74 11.15 -7.86
C LYS A 107 -11.56 12.44 -7.04
N LEU A 108 -10.56 13.19 -7.47
CA LEU A 108 -10.14 14.46 -6.85
C LEU A 108 -11.05 15.63 -7.13
N SER A 109 -11.07 16.55 -6.20
CA SER A 109 -11.97 17.75 -6.33
C SER A 109 -11.23 18.87 -7.06
N THR A 110 -9.98 18.85 -6.62
CA THR A 110 -8.85 19.72 -7.00
C THR A 110 -7.89 18.93 -7.88
N ALA A 111 -7.76 19.19 -9.14
CA ALA A 111 -6.86 18.51 -10.03
C ALA A 111 -5.44 18.68 -9.43
N ALA A 112 -4.62 17.66 -9.68
CA ALA A 112 -3.24 17.69 -9.20
C ALA A 112 -2.50 18.46 -10.33
N SER A 113 -1.50 19.18 -9.93
CA SER A 113 -0.68 19.96 -10.85
C SER A 113 0.68 19.21 -11.01
N PHE A 114 0.63 18.56 -12.17
CA PHE A 114 1.72 17.75 -12.65
C PHE A 114 2.87 18.75 -12.75
N SER A 115 3.94 18.31 -12.14
CA SER A 115 5.19 19.01 -12.04
C SER A 115 6.21 17.89 -12.33
N GLN A 116 7.36 18.33 -11.90
CA GLN A 116 8.55 17.51 -12.02
C GLN A 116 8.62 16.39 -10.98
N THR A 117 7.86 16.67 -9.92
CA THR A 117 7.76 15.83 -8.73
C THR A 117 6.43 15.19 -8.51
N VAL A 118 5.51 15.51 -9.39
CA VAL A 118 4.14 15.01 -9.37
C VAL A 118 3.76 14.67 -10.82
N SER A 119 3.54 13.43 -11.15
CA SER A 119 3.18 12.92 -12.47
C SER A 119 2.37 11.63 -12.33
N ALA A 120 2.09 10.92 -13.37
CA ALA A 120 1.26 9.73 -13.23
C ALA A 120 1.92 8.46 -13.67
N VAL A 121 1.29 7.39 -13.19
CA VAL A 121 1.81 6.05 -13.52
C VAL A 121 0.99 5.59 -14.71
N CYS A 122 1.69 4.74 -15.46
CA CYS A 122 1.07 4.11 -16.65
C CYS A 122 0.25 2.94 -16.07
N LEU A 123 -0.94 2.70 -16.60
CA LEU A 123 -1.79 1.57 -16.15
C LEU A 123 -1.54 0.53 -17.27
N PRO A 124 -1.56 -0.76 -16.99
CA PRO A 124 -1.39 -1.79 -18.00
C PRO A 124 -2.63 -2.16 -18.82
N SER A 125 -2.33 -3.03 -19.80
CA SER A 125 -3.42 -3.58 -20.64
C SER A 125 -3.85 -4.89 -19.98
N ALA A 126 -5.10 -5.27 -19.93
CA ALA A 126 -5.59 -6.51 -19.34
C ALA A 126 -4.84 -7.77 -19.82
N SER A 127 -4.49 -7.72 -21.08
CA SER A 127 -3.77 -8.79 -21.81
C SER A 127 -2.28 -8.74 -21.51
N ASP A 128 -1.89 -7.76 -20.72
CA ASP A 128 -0.48 -7.61 -20.34
C ASP A 128 -0.03 -8.79 -19.44
N ASP A 129 1.18 -9.17 -19.77
CA ASP A 129 1.84 -10.28 -19.06
C ASP A 129 3.25 -9.90 -18.58
N PHE A 130 3.34 -9.84 -17.26
CA PHE A 130 4.54 -9.53 -16.50
C PHE A 130 4.92 -10.87 -15.83
N ALA A 131 5.92 -11.43 -16.44
CA ALA A 131 6.55 -12.70 -16.11
C ALA A 131 7.04 -12.84 -14.68
N ALA A 132 6.91 -14.01 -14.14
CA ALA A 132 7.31 -14.32 -12.78
C ALA A 132 8.83 -14.20 -12.76
N GLY A 133 9.39 -13.77 -11.65
CA GLY A 133 10.85 -13.65 -11.67
C GLY A 133 11.32 -12.29 -12.24
N THR A 134 10.39 -11.42 -12.56
CA THR A 134 10.72 -10.09 -13.03
C THR A 134 10.88 -9.29 -11.70
N THR A 135 11.96 -8.52 -11.73
CA THR A 135 12.26 -7.66 -10.58
C THR A 135 11.50 -6.35 -10.76
N CYS A 136 10.70 -6.04 -9.73
CA CYS A 136 9.89 -4.82 -9.72
C CYS A 136 10.21 -3.89 -8.53
N VAL A 137 9.48 -2.74 -8.41
CA VAL A 137 9.69 -1.81 -7.32
C VAL A 137 8.38 -1.60 -6.56
N THR A 138 8.53 -1.42 -5.28
CA THR A 138 7.40 -1.11 -4.38
C THR A 138 7.93 0.11 -3.61
N THR A 139 7.06 1.13 -3.45
CA THR A 139 7.41 2.38 -2.78
C THR A 139 6.42 2.65 -1.67
N GLY A 140 6.87 3.36 -0.64
CA GLY A 140 6.05 3.80 0.52
C GLY A 140 6.72 4.29 1.78
N TRP A 141 5.84 4.58 2.72
CA TRP A 141 6.13 5.10 4.09
C TRP A 141 5.68 4.12 5.16
N GLY A 142 5.64 2.90 4.81
CA GLY A 142 5.23 1.74 5.61
C GLY A 142 6.47 1.51 6.51
N LEU A 143 6.28 0.83 7.61
CA LEU A 143 7.36 0.56 8.55
C LEU A 143 8.42 -0.34 7.89
N THR A 144 9.57 -0.05 8.35
CA THR A 144 10.88 -0.58 7.97
C THR A 144 11.24 -1.81 8.76
N ARG A 145 10.56 -1.88 9.90
CA ARG A 145 10.67 -3.02 10.83
C ARG A 145 9.38 -3.04 11.64
N TYR A 146 8.64 -4.09 11.68
CA TYR A 146 7.38 -4.29 12.41
C TYR A 146 7.39 -3.79 13.86
N THR A 147 8.62 -3.88 14.29
CA THR A 147 9.21 -3.55 15.59
C THR A 147 9.49 -2.07 15.78
N ASN A 148 9.21 -1.21 14.78
CA ASN A 148 9.42 0.23 14.87
C ASN A 148 8.20 0.98 15.39
N ALA A 149 7.07 0.63 14.79
CA ALA A 149 5.83 1.35 15.24
C ALA A 149 6.23 2.85 15.42
N ASN A 150 6.47 3.37 14.24
CA ASN A 150 6.90 4.63 13.71
C ASN A 150 7.20 4.36 12.21
N THR A 151 6.33 5.04 11.47
CA THR A 151 6.38 5.00 10.00
C THR A 151 7.51 5.97 9.65
N PRO A 152 8.30 5.67 8.67
CA PRO A 152 9.41 6.54 8.25
C PRO A 152 8.96 7.90 7.70
N ASP A 153 9.82 8.91 7.82
CA ASP A 153 9.44 10.24 7.31
C ASP A 153 9.64 10.20 5.77
N ARG A 154 10.78 9.59 5.37
CA ARG A 154 11.06 9.54 3.92
C ARG A 154 10.60 8.39 3.07
N LEU A 155 10.14 8.57 1.83
CA LEU A 155 9.70 7.49 0.95
C LEU A 155 10.81 6.42 0.81
N GLN A 156 10.37 5.15 0.91
CA GLN A 156 11.35 4.07 0.77
C GLN A 156 11.02 3.34 -0.54
N GLN A 157 11.91 2.54 -0.97
CA GLN A 157 11.69 1.75 -2.17
C GLN A 157 12.53 0.53 -1.94
N ALA A 158 11.97 -0.57 -2.32
CA ALA A 158 12.38 -1.97 -2.34
C ALA A 158 12.17 -2.50 -3.79
N SER A 159 13.09 -3.40 -4.06
CA SER A 159 13.18 -4.12 -5.36
C SER A 159 12.88 -5.59 -4.96
N LEU A 160 11.89 -6.15 -5.62
CA LEU A 160 11.55 -7.55 -5.30
C LEU A 160 11.10 -8.15 -6.59
N PRO A 161 11.26 -9.44 -6.74
CA PRO A 161 10.78 -10.15 -7.92
C PRO A 161 9.35 -10.64 -7.81
N LEU A 162 8.75 -10.71 -8.96
CA LEU A 162 7.40 -11.26 -9.13
C LEU A 162 7.38 -12.78 -8.91
N LEU A 163 6.21 -13.21 -8.43
CA LEU A 163 6.01 -14.65 -8.25
C LEU A 163 4.78 -15.20 -9.01
N SER A 164 4.87 -16.48 -9.34
CA SER A 164 3.77 -17.22 -10.00
C SER A 164 2.67 -17.49 -8.96
N ASN A 165 1.43 -17.58 -9.33
CA ASN A 165 0.29 -17.86 -8.43
C ASN A 165 0.65 -19.13 -7.65
N THR A 166 1.10 -19.99 -8.52
CA THR A 166 1.57 -21.32 -8.22
C THR A 166 2.61 -21.49 -7.15
N ASN A 167 3.62 -20.64 -7.24
CA ASN A 167 4.65 -20.75 -6.17
C ASN A 167 4.33 -19.84 -5.00
N CYS A 168 3.26 -19.06 -4.99
CA CYS A 168 2.87 -18.20 -3.84
C CYS A 168 1.93 -19.11 -3.04
N LYS A 169 1.20 -19.91 -3.81
CA LYS A 169 0.27 -20.83 -3.08
C LYS A 169 0.97 -21.80 -2.15
N LYS A 170 2.28 -21.87 -2.32
CA LYS A 170 3.09 -22.72 -1.48
C LYS A 170 3.20 -22.05 -0.10
N TYR A 171 3.06 -20.71 -0.10
CA TYR A 171 3.14 -20.03 1.19
C TYR A 171 1.74 -19.63 1.65
N TRP A 172 0.84 -19.26 0.80
CA TRP A 172 -0.48 -18.74 1.25
C TRP A 172 -1.60 -19.72 0.99
N GLY A 173 -1.20 -20.70 0.18
CA GLY A 173 -2.04 -21.78 -0.25
C GLY A 173 -3.27 -21.25 -0.97
N THR A 174 -4.42 -21.66 -0.46
CA THR A 174 -5.69 -21.29 -1.05
C THR A 174 -6.15 -19.86 -0.96
N LYS A 175 -5.50 -19.05 -0.21
CA LYS A 175 -5.91 -17.65 -0.04
C LYS A 175 -5.70 -16.85 -1.31
N ILE A 176 -4.70 -17.20 -2.05
CA ILE A 176 -4.35 -16.55 -3.32
C ILE A 176 -5.38 -16.75 -4.45
N LYS A 177 -5.99 -15.63 -4.78
CA LYS A 177 -6.98 -15.51 -5.83
C LYS A 177 -6.37 -15.00 -7.13
N ASP A 178 -7.31 -14.79 -8.02
CA ASP A 178 -6.95 -14.31 -9.39
C ASP A 178 -6.81 -12.80 -9.35
N ALA A 179 -7.44 -11.99 -8.51
CA ALA A 179 -7.24 -10.55 -8.52
C ALA A 179 -6.07 -10.08 -7.65
N MET A 180 -5.21 -11.02 -7.34
CA MET A 180 -3.99 -11.03 -6.56
C MET A 180 -2.77 -11.55 -7.38
N ILE A 181 -1.67 -10.95 -7.07
CA ILE A 181 -0.31 -11.13 -7.55
C ILE A 181 0.65 -10.95 -6.33
N CYS A 182 1.54 -11.96 -6.36
CA CYS A 182 2.55 -12.05 -5.31
C CYS A 182 3.93 -11.61 -5.84
N ALA A 183 4.64 -11.07 -4.89
CA ALA A 183 5.96 -10.52 -4.99
C ALA A 183 6.58 -10.41 -3.62
N GLY A 184 7.86 -10.67 -3.74
CA GLY A 184 8.93 -10.72 -2.71
C GLY A 184 9.38 -12.13 -2.21
N ALA A 185 9.49 -12.20 -0.89
CA ALA A 185 9.92 -13.45 -0.26
C ALA A 185 11.43 -13.52 -0.39
N SER A 186 12.00 -12.44 -0.73
CA SER A 186 13.42 -12.18 -1.03
C SER A 186 14.26 -11.32 -0.13
N GLY A 187 13.95 -10.87 1.04
CA GLY A 187 14.81 -10.01 1.88
C GLY A 187 14.14 -8.63 2.04
N VAL A 188 12.96 -8.55 1.42
CA VAL A 188 12.26 -7.23 1.44
C VAL A 188 10.78 -7.52 1.50
N SER A 189 10.12 -6.78 2.32
CA SER A 189 8.70 -6.76 2.59
C SER A 189 7.92 -5.43 2.66
N SER A 190 6.74 -5.35 2.15
CA SER A 190 5.72 -4.27 2.13
C SER A 190 5.33 -4.34 3.65
N CYS A 191 4.92 -3.27 4.31
CA CYS A 191 4.60 -3.41 5.76
C CYS A 191 3.54 -2.36 6.07
N MET A 192 3.04 -2.29 7.28
CA MET A 192 2.03 -1.35 7.74
C MET A 192 2.40 0.09 7.29
N GLY A 193 1.38 0.56 6.53
CA GLY A 193 1.47 1.89 6.01
C GLY A 193 1.84 1.87 4.54
N ASP A 194 2.10 0.72 3.97
CA ASP A 194 2.44 0.68 2.53
C ASP A 194 1.18 0.44 1.67
N SER A 195 0.16 -0.03 2.30
CA SER A 195 -1.11 -0.38 1.70
C SER A 195 -1.58 0.63 0.66
N GLY A 196 -2.08 0.24 -0.49
CA GLY A 196 -2.62 1.04 -1.61
C GLY A 196 -1.50 1.64 -2.47
N GLY A 197 -0.28 1.39 -2.13
CA GLY A 197 0.82 1.91 -2.91
C GLY A 197 1.09 1.00 -4.11
N PRO A 198 2.05 1.50 -4.87
CA PRO A 198 2.46 0.80 -6.07
C PRO A 198 3.51 -0.31 -6.11
N LEU A 199 3.26 -1.25 -7.02
CA LEU A 199 4.17 -2.31 -7.39
C LEU A 199 4.23 -2.00 -8.96
N VAL A 200 5.33 -1.33 -9.28
CA VAL A 200 5.74 -0.93 -10.60
C VAL A 200 6.76 -1.83 -11.28
N CYS A 201 6.29 -2.19 -12.49
CA CYS A 201 7.07 -3.06 -13.41
C CYS A 201 7.24 -2.16 -14.65
N LYS A 202 8.48 -1.99 -14.97
CA LYS A 202 8.85 -1.13 -16.12
C LYS A 202 8.56 -1.97 -17.38
N LYS A 203 7.90 -1.18 -18.25
CA LYS A 203 7.49 -1.75 -19.53
C LYS A 203 7.66 -0.82 -20.72
N ASN A 204 8.65 -1.19 -21.52
CA ASN A 204 8.96 -0.48 -22.77
C ASN A 204 9.32 0.98 -22.42
N GLY A 205 10.00 1.10 -21.32
CA GLY A 205 10.51 2.39 -20.82
C GLY A 205 9.65 3.00 -19.73
N ALA A 206 8.40 2.52 -19.73
CA ALA A 206 7.62 3.17 -18.68
C ALA A 206 7.49 2.22 -17.51
N TRP A 207 7.30 2.96 -16.43
CA TRP A 207 7.04 2.28 -15.14
C TRP A 207 5.54 2.07 -15.22
N THR A 208 5.04 0.88 -14.99
CA THR A 208 3.60 0.51 -15.06
C THR A 208 3.13 -0.14 -13.75
N LEU A 209 1.92 0.21 -13.39
CA LEU A 209 1.24 -0.29 -12.22
C LEU A 209 0.76 -1.72 -12.40
N VAL A 210 1.49 -2.64 -11.74
CA VAL A 210 1.13 -4.09 -11.78
C VAL A 210 0.45 -4.59 -10.49
N GLY A 211 0.75 -3.89 -9.38
CA GLY A 211 0.02 -4.35 -8.17
C GLY A 211 -0.19 -3.13 -7.26
N ILE A 212 -1.11 -3.37 -6.35
CA ILE A 212 -1.49 -2.34 -5.34
C ILE A 212 -1.10 -3.00 -4.00
N VAL A 213 -0.60 -2.37 -2.99
CA VAL A 213 -0.25 -3.06 -1.76
C VAL A 213 -1.58 -3.46 -1.09
N SER A 214 -1.59 -4.76 -0.76
CA SER A 214 -2.83 -5.30 -0.15
C SER A 214 -2.61 -5.83 1.26
N TRP A 215 -2.15 -7.05 1.24
CA TRP A 215 -1.92 -7.76 2.53
C TRP A 215 -0.69 -8.65 2.50
N GLY A 216 -0.41 -9.25 3.65
CA GLY A 216 0.78 -10.19 3.64
C GLY A 216 0.97 -10.57 5.10
N SER A 217 2.16 -10.93 5.41
CA SER A 217 2.61 -11.41 6.70
C SER A 217 2.29 -10.39 7.78
N SER A 218 1.76 -10.97 8.86
CA SER A 218 1.35 -10.10 10.00
C SER A 218 2.53 -9.45 10.76
N THR A 219 3.69 -9.85 10.32
CA THR A 219 4.95 -9.43 10.88
C THR A 219 6.05 -8.93 10.04
N CYS A 220 5.77 -8.73 8.81
CA CYS A 220 6.52 -8.17 7.67
C CYS A 220 7.80 -8.96 7.32
N SER A 221 7.55 -10.28 7.37
CA SER A 221 8.50 -11.32 7.12
C SER A 221 9.06 -11.20 5.71
N THR A 222 10.37 -10.99 5.75
CA THR A 222 11.15 -10.86 4.54
C THR A 222 11.34 -12.21 3.84
N SER A 223 10.86 -13.30 4.37
CA SER A 223 11.06 -14.56 3.63
C SER A 223 9.68 -15.00 3.19
N THR A 224 8.70 -14.14 3.26
CA THR A 224 7.35 -14.51 2.82
C THR A 224 6.85 -13.59 1.69
N PRO A 225 6.12 -14.14 0.74
CA PRO A 225 5.68 -13.21 -0.32
C PRO A 225 4.55 -12.40 0.29
N GLY A 226 4.56 -11.19 -0.24
CA GLY A 226 3.62 -10.06 -0.06
C GLY A 226 2.63 -10.20 -1.25
N VAL A 227 1.35 -9.93 -0.97
CA VAL A 227 0.24 -10.03 -1.92
C VAL A 227 -0.14 -8.64 -2.30
N TYR A 228 -0.46 -8.32 -3.47
CA TYR A 228 -0.87 -7.10 -4.11
C TYR A 228 -2.17 -7.32 -4.94
N ALA A 229 -2.95 -6.24 -5.21
CA ALA A 229 -4.13 -6.37 -6.08
C ALA A 229 -3.48 -6.42 -7.50
N ARG A 230 -3.96 -7.39 -8.28
CA ARG A 230 -3.40 -7.63 -9.65
C ARG A 230 -4.16 -6.69 -10.61
N VAL A 231 -3.50 -5.64 -11.05
CA VAL A 231 -3.94 -4.56 -11.90
C VAL A 231 -4.44 -5.01 -13.24
N THR A 232 -3.82 -5.94 -13.90
CA THR A 232 -4.29 -6.45 -15.19
C THR A 232 -5.72 -7.01 -15.12
N ALA A 233 -6.03 -7.64 -13.97
CA ALA A 233 -7.33 -8.24 -13.65
C ALA A 233 -8.38 -7.20 -13.22
N LEU A 234 -7.97 -5.95 -12.94
CA LEU A 234 -8.91 -4.91 -12.49
C LEU A 234 -8.88 -3.61 -13.30
N VAL A 235 -8.14 -3.60 -14.39
CA VAL A 235 -7.96 -2.38 -15.22
C VAL A 235 -9.12 -1.98 -16.13
N ASN A 236 -9.90 -3.00 -16.48
CA ASN A 236 -11.09 -2.65 -17.33
C ASN A 236 -12.05 -1.91 -16.41
N TRP A 237 -12.17 -2.30 -15.15
CA TRP A 237 -13.01 -1.59 -14.16
C TRP A 237 -12.41 -0.16 -14.02
N VAL A 238 -11.11 -0.03 -13.83
CA VAL A 238 -10.54 1.34 -13.77
C VAL A 238 -11.00 2.15 -14.97
N GLN A 239 -10.78 1.76 -16.19
CA GLN A 239 -11.13 2.30 -17.48
C GLN A 239 -12.57 2.74 -17.62
N GLN A 240 -13.45 1.83 -17.21
CA GLN A 240 -14.91 2.05 -17.22
C GLN A 240 -15.41 3.00 -16.13
N THR A 241 -14.79 3.17 -15.00
CA THR A 241 -15.28 4.07 -13.95
C THR A 241 -14.92 5.52 -14.30
N LEU A 242 -13.81 5.59 -14.98
CA LEU A 242 -13.15 6.82 -15.45
C LEU A 242 -13.86 7.58 -16.58
N ALA A 243 -14.52 6.73 -17.35
CA ALA A 243 -15.32 6.97 -18.53
C ALA A 243 -16.73 7.46 -18.16
N ALA A 244 -17.21 6.92 -17.06
CA ALA A 244 -18.53 7.24 -16.56
C ALA A 244 -18.42 8.29 -15.47
N ASN A 245 -17.28 8.95 -15.39
CA ASN A 245 -17.18 9.95 -14.26
C ASN A 245 -16.42 11.22 -14.58
N ASP B 1 -10.77 -6.28 34.76
CA ASP B 1 -11.34 -5.35 35.75
C ASP B 1 -11.96 -4.15 35.03
N SER B 2 -11.39 -3.93 33.85
CA SER B 2 -11.77 -2.83 32.95
C SER B 2 -11.68 -3.31 31.50
N LEU B 3 -11.63 -2.31 30.59
CA LEU B 3 -11.60 -2.65 29.18
C LEU B 3 -12.38 -1.82 28.15
N GLY B 4 -11.91 -1.92 27.01
CA GLY B 4 -12.82 -1.61 25.89
C GLY B 4 -12.49 -2.01 24.48
N ARG B 5 -13.16 -2.96 23.88
CA ARG B 5 -12.96 -3.36 22.49
C ARG B 5 -11.80 -4.30 22.20
N GLU B 6 -12.25 -5.37 21.61
CA GLU B 6 -11.61 -6.56 21.12
C GLU B 6 -11.17 -6.37 19.66
N ALA B 7 -9.91 -6.72 19.40
CA ALA B 7 -9.31 -6.59 18.08
C ALA B 7 -9.60 -7.84 17.27
N LYS B 8 -10.08 -7.50 16.11
CA LYS B 8 -10.51 -8.31 15.00
C LYS B 8 -9.48 -8.65 13.95
N CYS B 9 -9.45 -9.90 13.54
CA CYS B 9 -8.58 -10.40 12.47
C CYS B 9 -9.56 -10.63 11.26
N TYR B 10 -8.86 -11.06 10.21
CA TYR B 10 -9.45 -11.53 8.95
C TYR B 10 -9.10 -13.02 9.24
N ASN B 11 -10.15 -13.80 9.47
CA ASN B 11 -9.80 -15.23 9.83
C ASN B 11 -9.60 -16.03 8.55
N GLU B 12 -10.28 -15.57 7.53
CA GLU B 12 -10.31 -16.11 6.18
C GLU B 12 -9.04 -15.79 5.39
N LEU B 13 -8.04 -15.28 6.07
CA LEU B 13 -6.71 -14.84 5.59
C LEU B 13 -5.80 -14.99 6.81
N ASN B 14 -4.57 -15.43 6.68
CA ASN B 14 -3.76 -15.59 7.95
C ASN B 14 -2.52 -14.69 7.95
N GLY B 15 -2.75 -13.49 7.41
CA GLY B 15 -1.78 -12.42 7.27
C GLY B 15 -2.62 -11.16 7.48
N CYS B 16 -2.03 -9.99 7.41
CA CYS B 16 -2.90 -8.81 7.65
C CYS B 16 -2.83 -7.90 6.44
N THR B 17 -3.59 -6.85 6.53
CA THR B 17 -3.73 -5.70 5.64
C THR B 17 -2.61 -4.82 6.24
N LEU B 18 -1.99 -4.13 5.34
CA LEU B 18 -0.84 -3.27 5.54
C LEU B 18 -1.04 -1.78 5.68
N GLU B 19 -2.14 -1.38 6.26
CA GLU B 19 -2.52 0.02 6.52
C GLU B 19 -1.92 0.50 7.84
N TYR B 20 -1.72 1.78 8.06
CA TYR B 20 -1.14 2.16 9.39
C TYR B 20 -2.28 2.83 10.16
N ARG B 21 -2.81 2.09 11.11
CA ARG B 21 -3.94 2.57 11.93
C ARG B 21 -3.69 2.10 13.36
N PRO B 22 -2.71 2.78 13.97
CA PRO B 22 -2.30 2.39 15.29
C PRO B 22 -3.49 2.34 16.23
N VAL B 23 -3.40 1.40 17.16
CA VAL B 23 -4.29 1.13 18.27
C VAL B 23 -3.41 1.09 19.52
N CYS B 24 -3.92 1.53 20.63
CA CYS B 24 -3.36 1.57 21.94
C CYS B 24 -3.94 0.30 22.63
N GLY B 25 -3.08 -0.66 23.00
CA GLY B 25 -3.72 -1.84 23.63
C GLY B 25 -3.95 -1.58 25.13
N THR B 26 -4.84 -2.38 25.79
CA THR B 26 -4.96 -2.20 27.25
C THR B 26 -3.69 -2.53 28.07
N ASP B 27 -2.65 -2.87 27.30
CA ASP B 27 -1.34 -3.24 27.85
C ASP B 27 -0.37 -2.05 27.93
N GLY B 28 -0.67 -1.04 27.13
CA GLY B 28 0.21 0.13 27.08
C GLY B 28 1.04 0.05 25.80
N ASP B 29 0.60 -0.82 24.88
CA ASP B 29 1.43 -0.87 23.67
C ASP B 29 0.66 -0.39 22.45
N THR B 30 1.41 0.16 21.50
CA THR B 30 0.94 0.57 20.17
C THR B 30 1.06 -0.67 19.18
N TYR B 31 0.07 -0.93 18.33
CA TYR B 31 -0.13 -1.94 17.31
C TYR B 31 -0.39 -1.14 16.03
N PRO B 32 0.35 -1.53 15.02
CA PRO B 32 0.28 -0.78 13.73
C PRO B 32 -1.14 -0.78 13.15
N ASN B 33 -1.81 -1.85 13.54
CA ASN B 33 -3.21 -1.95 13.06
C ASN B 33 -3.80 -2.98 14.04
N GLU B 34 -5.08 -3.20 13.93
CA GLU B 34 -5.87 -4.08 14.78
C GLU B 34 -5.59 -5.52 14.51
N CYS B 35 -5.43 -5.75 13.23
CA CYS B 35 -5.18 -7.16 12.85
C CYS B 35 -3.90 -7.51 13.62
N VAL B 36 -2.95 -6.60 13.77
CA VAL B 36 -1.72 -7.02 14.46
C VAL B 36 -1.96 -7.42 15.90
N LEU B 37 -2.83 -6.61 16.50
CA LEU B 37 -3.08 -6.86 17.91
C LEU B 37 -3.71 -8.24 17.95
N CYS B 38 -4.57 -8.52 16.96
CA CYS B 38 -5.20 -9.88 17.01
C CYS B 38 -4.21 -11.03 16.87
N PHE B 39 -3.31 -10.96 15.90
CA PHE B 39 -2.35 -12.04 15.68
C PHE B 39 -1.44 -12.18 16.88
N GLU B 40 -1.13 -11.08 17.51
CA GLU B 40 -0.29 -11.06 18.72
C GLU B 40 -1.10 -11.78 19.78
N ASN B 41 -2.32 -11.48 20.06
CA ASN B 41 -3.09 -12.24 21.04
C ASN B 41 -3.25 -13.72 20.82
N ARG B 42 -3.25 -14.12 19.58
CA ARG B 42 -3.42 -15.50 19.07
C ARG B 42 -2.15 -16.28 19.41
N LYS B 43 -1.06 -15.75 18.96
CA LYS B 43 0.26 -16.33 19.15
C LYS B 43 0.71 -16.51 20.58
N ARG B 44 0.45 -15.47 21.36
CA ARG B 44 0.73 -15.18 22.76
C ARG B 44 -0.39 -15.76 23.65
N GLN B 45 -1.46 -16.04 22.93
CA GLN B 45 -2.57 -16.62 23.73
C GLN B 45 -2.81 -15.55 24.79
N THR B 46 -2.99 -14.32 24.36
CA THR B 46 -3.25 -13.21 25.28
C THR B 46 -4.65 -12.67 24.97
N SER B 47 -5.07 -11.77 25.89
CA SER B 47 -6.39 -11.17 25.64
C SER B 47 -6.48 -9.65 25.80
N ILE B 48 -5.54 -8.97 25.18
CA ILE B 48 -5.39 -7.54 25.13
C ILE B 48 -6.49 -6.89 24.32
N LEU B 49 -7.00 -5.83 24.94
CA LEU B 49 -8.08 -5.07 24.29
C LEU B 49 -7.42 -3.76 23.78
N ILE B 50 -8.26 -3.05 23.07
CA ILE B 50 -7.92 -1.77 22.46
C ILE B 50 -8.41 -0.75 23.49
N GLN B 51 -7.49 0.01 24.04
CA GLN B 51 -7.78 1.08 25.01
C GLN B 51 -8.48 2.29 24.38
N LYS B 52 -7.79 2.74 23.36
CA LYS B 52 -8.14 3.85 22.49
C LYS B 52 -7.49 3.64 21.11
N SER B 53 -8.17 4.19 20.11
CA SER B 53 -7.48 4.04 18.81
C SER B 53 -6.38 5.13 18.81
N GLY B 54 -5.55 5.00 17.82
CA GLY B 54 -4.39 5.92 17.61
C GLY B 54 -3.36 5.40 18.62
N PRO B 55 -2.18 5.96 18.61
CA PRO B 55 -1.13 5.55 19.49
C PRO B 55 -1.38 5.80 20.96
N CYS B 56 -0.54 5.09 21.68
CA CYS B 56 -0.61 5.23 23.17
C CYS B 56 0.12 6.59 23.36
#